data_3RAY
#
_entry.id   3RAY
#
_cell.length_a   31.154
_cell.length_b   55.156
_cell.length_c   106.283
_cell.angle_alpha   90.00
_cell.angle_beta   90.00
_cell.angle_gamma   90.00
#
_symmetry.space_group_name_H-M   'P 21 21 21'
#
loop_
_entity.id
_entity.type
_entity.pdbx_description
1 polymer 'PR domain-containing protein 11'
2 non-polymer 'ZINC ION'
3 non-polymer 'CHLORIDE ION'
4 non-polymer 'SODIUM ION'
5 non-polymer 'UNKNOWN ATOM OR ION'
6 water water
#
_entity_poly.entity_id   1
_entity_poly.type   'polypeptide(L)'
_entity_poly.pdbx_seq_one_letter_code
;GDSSAMEVEPKKLKGKRDLIVPKSFQQVDFWFCESCQEYFVDECPNHGPPVFVSDTPVPVGIPDRAALTIPQGMEVVKDT
SGESDVRCVNEVIPKGHIFGPYEGQISTQDKSAGFFSWLIVDKNNRYKSIDGSDETKANWMRYVVISREEREQNLLAFQH
SERIYFRACRDIRPGEWLRVWYSEDYMKRLHSMSQETIHRNLARGEKRLQREKSEQVLDNPEDLRGPIHLSVLRQGK
;
_entity_poly.pdbx_strand_id   A
#
# COMPACT_ATOMS: atom_id res chain seq x y z
N ASP A 29 -3.77 -10.65 -13.95
CA ASP A 29 -2.75 -10.02 -13.11
C ASP A 29 -1.78 -11.05 -12.55
N PHE A 30 -0.51 -10.72 -12.62
CA PHE A 30 0.57 -11.57 -12.14
C PHE A 30 1.33 -10.89 -11.01
N TRP A 31 1.64 -11.63 -9.94
CA TRP A 31 2.39 -11.06 -8.81
C TRP A 31 3.87 -11.03 -9.14
N PHE A 32 4.59 -10.04 -8.59
CA PHE A 32 6.03 -9.89 -8.82
C PHE A 32 6.82 -10.28 -7.56
N CYS A 33 7.75 -11.25 -7.70
CA CYS A 33 8.58 -11.63 -6.57
C CYS A 33 9.75 -10.64 -6.45
N GLU A 34 9.79 -9.85 -5.36
CA GLU A 34 10.87 -8.88 -5.08
C GLU A 34 12.24 -9.55 -5.01
N SER A 35 12.26 -10.79 -4.48
CA SER A 35 13.50 -11.56 -4.33
C SER A 35 14.06 -12.06 -5.65
N CYS A 36 13.21 -12.54 -6.55
CA CYS A 36 13.69 -13.06 -7.84
C CYS A 36 13.68 -11.99 -8.95
N GLN A 37 12.91 -10.89 -8.74
CA GLN A 37 12.71 -9.83 -9.73
C GLN A 37 12.07 -10.41 -11.01
N GLU A 38 11.10 -11.32 -10.80
CA GLU A 38 10.33 -12.03 -11.83
C GLU A 38 8.85 -12.03 -11.44
N TYR A 39 7.97 -12.37 -12.40
CA TYR A 39 6.52 -12.49 -12.19
C TYR A 39 6.14 -13.98 -12.08
N PHE A 40 4.93 -14.26 -11.55
CA PHE A 40 4.38 -15.61 -11.39
C PHE A 40 2.85 -15.63 -11.42
N VAL A 41 2.26 -16.83 -11.65
CA VAL A 41 0.81 -17.04 -11.72
C VAL A 41 0.14 -16.74 -10.37
N ASP A 42 0.42 -17.55 -9.35
CA ASP A 42 -0.08 -17.37 -7.99
C ASP A 42 0.89 -17.88 -6.92
N GLU A 43 1.96 -18.62 -7.32
CA GLU A 43 3.00 -19.14 -6.42
C GLU A 43 4.39 -19.12 -7.09
N CYS A 44 5.34 -18.25 -6.63
CA CYS A 44 6.73 -18.17 -7.14
C CYS A 44 7.37 -19.57 -7.02
N PRO A 45 8.01 -20.09 -8.09
CA PRO A 45 8.60 -21.45 -7.98
C PRO A 45 9.79 -21.57 -7.02
N ASN A 46 10.28 -20.44 -6.45
CA ASN A 46 11.42 -20.42 -5.53
C ASN A 46 11.09 -19.83 -4.15
N HIS A 47 10.02 -19.00 -4.04
CA HIS A 47 9.64 -18.36 -2.78
C HIS A 47 8.24 -18.64 -2.26
N GLY A 48 7.44 -19.35 -3.07
CA GLY A 48 6.07 -19.71 -2.72
C GLY A 48 5.04 -18.62 -3.02
N PRO A 49 3.82 -18.75 -2.46
CA PRO A 49 2.77 -17.75 -2.74
C PRO A 49 2.98 -16.38 -2.11
N PRO A 50 2.27 -15.33 -2.58
CA PRO A 50 2.39 -14.01 -1.94
C PRO A 50 1.95 -14.04 -0.45
N VAL A 51 2.57 -13.22 0.41
CA VAL A 51 2.23 -13.19 1.83
C VAL A 51 1.48 -11.88 2.04
N PHE A 52 0.22 -11.95 2.51
CA PHE A 52 -0.58 -10.73 2.70
C PHE A 52 -0.75 -10.44 4.18
N VAL A 53 -0.64 -9.17 4.56
CA VAL A 53 -0.86 -8.75 5.94
C VAL A 53 -2.25 -8.15 5.99
N SER A 54 -3.06 -8.62 6.93
CA SER A 54 -4.41 -8.10 7.08
C SER A 54 -4.49 -6.74 7.79
N ASP A 55 -5.44 -5.88 7.34
CA ASP A 55 -5.74 -4.68 8.09
C ASP A 55 -6.43 -5.14 9.40
N THR A 56 -6.32 -4.32 10.43
CA THR A 56 -7.08 -4.55 11.66
C THR A 56 -8.53 -4.26 11.32
N PRO A 57 -9.47 -5.17 11.69
CA PRO A 57 -10.88 -4.93 11.36
C PRO A 57 -11.47 -3.79 12.15
N VAL A 58 -12.03 -2.81 11.44
CA VAL A 58 -12.67 -1.64 12.04
C VAL A 58 -13.92 -1.37 11.19
N PRO A 59 -15.13 -1.24 11.79
CA PRO A 59 -16.33 -0.97 10.98
C PRO A 59 -16.26 0.39 10.26
N VAL A 60 -16.69 0.43 9.00
CA VAL A 60 -16.73 1.66 8.17
C VAL A 60 -17.71 2.70 8.77
N GLY A 61 -17.37 3.98 8.62
CA GLY A 61 -18.18 5.12 9.05
C GLY A 61 -17.88 5.67 10.43
N ILE A 62 -17.07 4.96 11.21
CA ILE A 62 -16.76 5.38 12.58
C ILE A 62 -15.63 6.45 12.59
N PRO A 63 -15.57 7.36 13.60
CA PRO A 63 -14.49 8.37 13.61
C PRO A 63 -13.10 7.74 13.68
N ASP A 64 -12.12 8.36 12.97
CA ASP A 64 -10.72 7.91 12.91
C ASP A 64 -10.58 6.45 12.44
N ARG A 65 -11.57 5.97 11.63
CA ARG A 65 -11.58 4.59 11.12
C ARG A 65 -10.25 4.21 10.43
N ALA A 66 -9.77 5.09 9.56
CA ALA A 66 -8.57 4.82 8.75
C ALA A 66 -7.34 4.48 9.60
N ALA A 67 -7.03 5.32 10.59
CA ALA A 67 -5.86 5.11 11.45
C ALA A 67 -5.96 3.81 12.25
N LEU A 68 -7.16 3.47 12.71
CA LEU A 68 -7.39 2.26 13.51
C LEU A 68 -7.22 0.97 12.72
N THR A 69 -7.32 1.04 11.38
CA THR A 69 -7.16 -0.18 10.54
C THR A 69 -5.69 -0.62 10.46
N ILE A 70 -4.75 0.18 11.00
CA ILE A 70 -3.31 -0.11 10.89
C ILE A 70 -3.04 -1.54 11.37
N PRO A 71 -2.30 -2.35 10.61
CA PRO A 71 -2.02 -3.72 11.10
C PRO A 71 -1.16 -3.72 12.35
N GLN A 72 -1.27 -4.79 13.15
CA GLN A 72 -0.44 -4.95 14.33
C GLN A 72 1.01 -5.01 13.81
N GLY A 73 1.95 -4.37 14.49
CA GLY A 73 3.31 -4.34 13.96
C GLY A 73 3.63 -3.06 13.22
N MET A 74 2.63 -2.18 13.08
N MET A 74 2.66 -2.15 13.16
CA MET A 74 2.78 -0.87 12.43
CA MET A 74 2.83 -0.84 12.54
C MET A 74 2.12 0.17 13.33
C MET A 74 2.15 0.20 13.40
N GLU A 75 2.49 1.45 13.21
CA GLU A 75 1.92 2.53 13.99
C GLU A 75 1.70 3.76 13.15
N VAL A 76 0.52 4.38 13.31
CA VAL A 76 0.22 5.66 12.66
C VAL A 76 0.58 6.71 13.70
N VAL A 77 1.57 7.53 13.40
CA VAL A 77 2.08 8.58 14.27
C VAL A 77 1.54 9.93 13.78
N LYS A 78 0.60 10.50 14.53
CA LYS A 78 0.01 11.79 14.22
C LYS A 78 0.72 12.87 15.03
N ASP A 79 1.06 14.00 14.41
CA ASP A 79 1.73 15.06 15.16
C ASP A 79 0.76 16.20 15.52
N THR A 80 1.22 17.12 16.33
CA THR A 80 0.46 18.31 16.76
C THR A 80 0.05 19.28 15.64
N SER A 81 0.69 19.18 14.46
N SER A 81 0.68 19.18 14.46
CA SER A 81 0.39 20.02 13.30
CA SER A 81 0.35 20.04 13.32
C SER A 81 -0.69 19.39 12.40
C SER A 81 -0.74 19.42 12.43
N GLY A 82 -1.16 18.19 12.77
CA GLY A 82 -2.21 17.45 12.05
C GLY A 82 -1.72 16.44 11.04
N GLU A 83 -0.41 16.44 10.77
CA GLU A 83 0.24 15.55 9.81
C GLU A 83 0.48 14.16 10.41
N SER A 84 0.49 13.12 9.57
CA SER A 84 0.70 11.76 10.01
C SER A 84 1.84 11.08 9.23
N ASP A 85 2.42 10.06 9.83
CA ASP A 85 3.49 9.26 9.26
C ASP A 85 3.25 7.86 9.82
N VAL A 86 3.81 6.84 9.16
CA VAL A 86 3.56 5.46 9.53
C VAL A 86 4.91 4.77 9.70
N ARG A 87 5.05 3.97 10.76
CA ARG A 87 6.31 3.24 10.96
C ARG A 87 6.09 1.80 11.31
N CYS A 88 7.13 0.99 11.07
CA CYS A 88 7.18 -0.40 11.50
C CYS A 88 7.50 -0.37 13.01
N VAL A 89 6.88 -1.25 13.80
CA VAL A 89 7.20 -1.35 15.23
C VAL A 89 7.31 -2.85 15.57
N ASN A 90 8.07 -3.16 16.61
CA ASN A 90 8.17 -4.50 17.21
C ASN A 90 9.03 -5.53 16.48
N GLU A 91 8.66 -5.89 15.23
CA GLU A 91 9.39 -6.90 14.46
C GLU A 91 9.64 -6.46 13.03
N VAL A 92 10.66 -7.05 12.39
CA VAL A 92 10.95 -6.75 10.98
C VAL A 92 9.78 -7.16 10.07
N ILE A 93 9.45 -6.31 9.07
CA ILE A 93 8.49 -6.64 8.04
C ILE A 93 9.35 -7.24 6.91
N PRO A 94 9.21 -8.55 6.59
CA PRO A 94 10.07 -9.12 5.55
C PRO A 94 9.75 -8.59 4.17
N LYS A 95 10.80 -8.45 3.37
CA LYS A 95 10.73 -8.07 1.96
C LYS A 95 9.68 -9.02 1.31
N GLY A 96 8.81 -8.45 0.51
CA GLY A 96 7.79 -9.21 -0.19
C GLY A 96 6.43 -9.18 0.46
N HIS A 97 6.34 -8.76 1.75
CA HIS A 97 5.02 -8.71 2.43
C HIS A 97 4.11 -7.71 1.72
N ILE A 98 2.85 -8.10 1.50
CA ILE A 98 1.90 -7.28 0.75
C ILE A 98 0.87 -6.65 1.68
N PHE A 99 0.60 -5.37 1.48
CA PHE A 99 -0.37 -4.63 2.29
C PHE A 99 -1.47 -4.13 1.38
N GLY A 100 -2.68 -4.09 1.92
CA GLY A 100 -3.82 -3.59 1.18
C GLY A 100 -5.00 -4.55 1.11
N PRO A 101 -6.00 -4.23 0.28
CA PRO A 101 -6.01 -3.13 -0.71
C PRO A 101 -6.24 -1.75 -0.10
N TYR A 102 -5.81 -0.72 -0.83
CA TYR A 102 -6.05 0.66 -0.46
C TYR A 102 -7.58 0.89 -0.54
N GLU A 103 -8.16 1.47 0.51
CA GLU A 103 -9.61 1.65 0.57
C GLU A 103 -10.02 3.10 0.42
N GLY A 104 -11.21 3.30 -0.07
CA GLY A 104 -11.73 4.66 -0.21
C GLY A 104 -12.86 4.70 -1.18
N GLN A 105 -13.08 5.88 -1.77
CA GLN A 105 -14.12 6.07 -2.78
C GLN A 105 -13.55 5.73 -4.17
N ILE A 106 -14.33 4.98 -5.00
CA ILE A 106 -13.90 4.64 -6.37
C ILE A 106 -14.78 5.42 -7.32
N SER A 107 -14.18 6.11 -8.30
CA SER A 107 -14.94 6.90 -9.27
C SER A 107 -14.23 7.06 -10.62
N THR A 108 -14.99 7.40 -11.68
CA THR A 108 -14.39 7.60 -13.01
C THR A 108 -13.61 8.94 -13.08
N GLN A 109 -14.03 9.95 -12.29
CA GLN A 109 -13.41 11.28 -12.28
C GLN A 109 -12.99 11.74 -10.88
N PHE A 115 -5.16 14.91 -3.14
CA PHE A 115 -4.09 14.64 -2.19
C PHE A 115 -3.97 13.14 -1.82
N PHE A 116 -5.03 12.34 -2.01
CA PHE A 116 -5.07 10.90 -1.65
C PHE A 116 -5.70 10.06 -2.78
N SER A 117 -5.46 10.45 -4.05
CA SER A 117 -6.04 9.79 -5.24
C SER A 117 -5.03 8.86 -5.98
N TRP A 118 -5.42 7.58 -6.17
CA TRP A 118 -4.61 6.57 -6.85
C TRP A 118 -5.34 6.10 -8.07
N LEU A 119 -4.64 6.04 -9.20
CA LEU A 119 -5.26 5.62 -10.44
C LEU A 119 -5.23 4.11 -10.58
N ILE A 120 -6.29 3.56 -11.16
CA ILE A 120 -6.32 2.17 -11.55
C ILE A 120 -6.75 2.12 -13.05
N VAL A 121 -6.32 1.10 -13.78
CA VAL A 121 -6.77 0.93 -15.17
C VAL A 121 -7.80 -0.21 -15.08
N ASP A 122 -9.09 0.09 -15.37
CA ASP A 122 -10.12 -0.95 -15.23
C ASP A 122 -10.12 -2.00 -16.35
N LYS A 123 -11.04 -2.99 -16.25
CA LYS A 123 -11.26 -4.09 -17.22
C LYS A 123 -11.58 -3.59 -18.62
N ASN A 124 -12.17 -2.37 -18.72
CA ASN A 124 -12.54 -1.76 -20.00
C ASN A 124 -11.48 -0.75 -20.49
N ASN A 125 -10.22 -0.89 -20.00
CA ASN A 125 -9.06 -0.04 -20.35
C ASN A 125 -9.27 1.47 -20.07
N ARG A 126 -10.14 1.79 -19.12
CA ARG A 126 -10.46 3.17 -18.73
C ARG A 126 -9.97 3.45 -17.30
N TYR A 127 -9.63 4.71 -17.01
CA TYR A 127 -9.14 5.12 -15.69
C TYR A 127 -10.26 5.20 -14.67
N LYS A 128 -9.95 4.77 -13.46
CA LYS A 128 -10.78 4.95 -12.28
C LYS A 128 -9.83 5.47 -11.22
N SER A 129 -10.35 6.31 -10.32
N SER A 129 -10.35 6.30 -10.31
CA SER A 129 -9.56 6.90 -9.24
CA SER A 129 -9.58 6.89 -9.23
C SER A 129 -10.06 6.36 -7.89
C SER A 129 -10.07 6.34 -7.89
N ILE A 130 -9.15 5.94 -7.00
CA ILE A 130 -9.47 5.44 -5.63
C ILE A 130 -9.03 6.58 -4.70
N ASP A 131 -9.98 7.19 -3.97
CA ASP A 131 -9.72 8.37 -3.16
C ASP A 131 -9.86 8.06 -1.66
N GLY A 132 -8.75 8.13 -0.92
CA GLY A 132 -8.75 7.90 0.52
C GLY A 132 -9.02 9.13 1.37
N SER A 133 -9.59 10.22 0.79
CA SER A 133 -9.86 11.48 1.54
C SER A 133 -10.73 11.33 2.80
N ASP A 134 -11.80 10.55 2.71
CA ASP A 134 -12.71 10.38 3.84
C ASP A 134 -12.14 9.38 4.84
N GLU A 135 -11.62 9.87 6.00
CA GLU A 135 -10.99 9.02 7.02
C GLU A 135 -11.91 7.95 7.63
N THR A 136 -13.26 8.12 7.50
CA THR A 136 -14.26 7.16 8.04
C THR A 136 -14.44 5.95 7.10
N LYS A 137 -14.01 6.09 5.83
CA LYS A 137 -14.14 5.04 4.81
C LYS A 137 -12.81 4.48 4.32
N ALA A 138 -11.73 5.25 4.44
CA ALA A 138 -10.40 4.85 3.98
C ALA A 138 -9.74 3.92 4.98
N ASN A 139 -8.55 3.41 4.61
CA ASN A 139 -7.78 2.62 5.54
C ASN A 139 -6.43 3.33 5.82
N TRP A 140 -5.57 2.68 6.59
CA TRP A 140 -4.32 3.29 7.07
C TRP A 140 -3.34 3.70 5.95
N MET A 141 -3.47 3.06 4.80
CA MET A 141 -2.55 3.30 3.69
C MET A 141 -2.64 4.75 3.18
N ARG A 142 -3.76 5.45 3.50
CA ARG A 142 -3.84 6.87 3.13
C ARG A 142 -2.73 7.72 3.81
N TYR A 143 -2.17 7.23 4.97
CA TYR A 143 -1.18 8.01 5.72
C TYR A 143 0.22 7.73 5.27
N VAL A 144 0.41 6.72 4.39
CA VAL A 144 1.75 6.37 3.96
C VAL A 144 2.35 7.49 3.08
N VAL A 145 3.53 7.96 3.44
CA VAL A 145 4.22 9.05 2.70
C VAL A 145 4.76 8.51 1.41
N ILE A 146 4.49 9.25 0.33
CA ILE A 146 4.94 8.90 -1.00
C ILE A 146 6.25 9.64 -1.14
N SER A 147 7.34 8.90 -1.43
CA SER A 147 8.65 9.52 -1.58
C SER A 147 9.40 9.03 -2.82
N ARG A 148 9.96 9.97 -3.57
CA ARG A 148 10.76 9.67 -4.77
C ARG A 148 12.23 9.43 -4.47
N GLU A 149 12.62 9.56 -3.19
CA GLU A 149 14.00 9.32 -2.77
C GLU A 149 14.18 7.80 -2.69
N GLU A 150 14.89 7.23 -3.68
CA GLU A 150 15.10 5.77 -3.79
C GLU A 150 15.81 5.14 -2.58
N ARG A 151 16.61 5.93 -1.85
CA ARG A 151 17.34 5.53 -0.64
C ARG A 151 16.39 5.22 0.51
N GLU A 152 15.30 6.00 0.63
CA GLU A 152 14.34 5.77 1.71
C GLU A 152 13.16 4.88 1.37
N GLN A 153 12.93 4.56 0.08
CA GLN A 153 11.77 3.72 -0.28
C GLN A 153 11.87 2.32 0.28
N ASN A 154 10.77 1.84 0.86
CA ASN A 154 10.73 0.48 1.34
C ASN A 154 9.42 -0.19 0.92
N LEU A 155 8.54 0.56 0.21
CA LEU A 155 7.29 0.03 -0.34
C LEU A 155 7.14 0.41 -1.78
N LEU A 156 6.55 -0.49 -2.56
CA LEU A 156 6.28 -0.21 -3.99
C LEU A 156 4.79 -0.45 -4.21
N ALA A 157 4.11 0.51 -4.82
CA ALA A 157 2.66 0.44 -5.08
C ALA A 157 2.41 -0.21 -6.44
N PHE A 158 1.39 -1.07 -6.51
CA PHE A 158 1.03 -1.72 -7.77
C PHE A 158 -0.45 -2.00 -7.75
N GLN A 159 -0.96 -2.36 -8.92
CA GLN A 159 -2.37 -2.70 -9.07
C GLN A 159 -2.51 -4.20 -9.24
N HIS A 160 -3.48 -4.77 -8.55
CA HIS A 160 -3.88 -6.17 -8.66
C HIS A 160 -5.40 -6.27 -8.52
N SER A 161 -6.08 -6.83 -9.55
CA SER A 161 -7.54 -6.97 -9.54
C SER A 161 -8.26 -5.66 -9.24
N GLU A 162 -7.87 -4.59 -9.99
N GLU A 162 -7.85 -4.61 -9.97
CA GLU A 162 -8.43 -3.25 -9.90
CA GLU A 162 -8.42 -3.26 -9.92
C GLU A 162 -8.32 -2.59 -8.53
C GLU A 162 -8.33 -2.61 -8.54
N ARG A 163 -7.32 -2.99 -7.76
CA ARG A 163 -7.09 -2.42 -6.43
C ARG A 163 -5.62 -2.11 -6.30
N ILE A 164 -5.27 -1.18 -5.40
CA ILE A 164 -3.88 -0.79 -5.14
C ILE A 164 -3.40 -1.55 -3.91
N TYR A 165 -2.19 -2.10 -4.03
CA TYR A 165 -1.51 -2.74 -2.91
C TYR A 165 -0.10 -2.16 -2.81
N PHE A 166 0.52 -2.30 -1.64
CA PHE A 166 1.91 -1.90 -1.45
C PHE A 166 2.66 -3.14 -1.04
N ARG A 167 3.80 -3.40 -1.67
N ARG A 167 3.81 -3.38 -1.65
CA ARG A 167 4.67 -4.53 -1.31
CA ARG A 167 4.66 -4.52 -1.29
C ARG A 167 5.98 -4.02 -0.73
C ARG A 167 5.97 -4.00 -0.72
N ALA A 168 6.47 -4.66 0.34
CA ALA A 168 7.76 -4.26 0.93
C ALA A 168 8.87 -4.66 -0.07
N CYS A 169 9.67 -3.68 -0.50
CA CYS A 169 10.73 -3.98 -1.48
C CYS A 169 12.07 -4.32 -0.82
N ARG A 170 12.11 -4.21 0.51
CA ARG A 170 13.23 -4.59 1.34
C ARG A 170 12.67 -4.91 2.72
N ASP A 171 13.49 -5.55 3.58
CA ASP A 171 13.04 -5.77 4.96
C ASP A 171 12.90 -4.37 5.60
N ILE A 172 11.84 -4.17 6.38
CA ILE A 172 11.56 -2.92 7.09
C ILE A 172 11.79 -3.22 8.57
N ARG A 173 12.81 -2.59 9.17
CA ARG A 173 13.14 -2.85 10.57
C ARG A 173 12.28 -2.05 11.57
N PRO A 174 12.10 -2.50 12.84
CA PRO A 174 11.36 -1.67 13.80
C PRO A 174 11.92 -0.24 13.89
N GLY A 175 11.01 0.71 13.94
CA GLY A 175 11.27 2.15 13.99
C GLY A 175 11.42 2.85 12.65
N GLU A 176 11.56 2.09 11.56
N GLU A 176 11.58 2.09 11.56
CA GLU A 176 11.71 2.62 10.20
CA GLU A 176 11.73 2.65 10.21
C GLU A 176 10.39 3.19 9.66
C GLU A 176 10.41 3.19 9.67
N TRP A 177 10.44 4.39 9.05
CA TRP A 177 9.22 4.99 8.52
C TRP A 177 8.92 4.40 7.15
N LEU A 178 7.63 4.17 6.90
CA LEU A 178 7.19 3.62 5.62
C LEU A 178 7.30 4.70 4.52
N ARG A 179 7.89 4.33 3.36
CA ARG A 179 8.03 5.26 2.23
C ARG A 179 7.75 4.50 0.95
N VAL A 180 6.72 4.96 0.27
CA VAL A 180 6.23 4.26 -0.92
C VAL A 180 6.51 5.02 -2.22
N TRP A 181 6.76 4.26 -3.29
CA TRP A 181 6.86 4.84 -4.64
C TRP A 181 6.14 3.87 -5.56
N TYR A 182 5.99 4.24 -6.82
CA TYR A 182 5.28 3.40 -7.76
C TYR A 182 6.20 2.32 -8.30
N SER A 183 5.67 1.07 -8.38
CA SER A 183 6.44 0.01 -9.02
C SER A 183 6.56 0.32 -10.55
N GLU A 184 7.59 -0.22 -11.20
CA GLU A 184 7.81 -0.01 -12.63
C GLU A 184 6.61 -0.50 -13.46
N ASP A 185 6.08 -1.70 -13.13
CA ASP A 185 4.94 -2.28 -13.84
C ASP A 185 3.73 -1.34 -13.76
N TYR A 186 3.49 -0.77 -12.56
CA TYR A 186 2.35 0.13 -12.33
C TYR A 186 2.49 1.41 -13.15
N MET A 187 3.69 1.99 -13.21
CA MET A 187 3.95 3.18 -14.03
C MET A 187 3.77 2.86 -15.51
N LYS A 188 4.21 1.68 -15.96
CA LYS A 188 4.06 1.23 -17.36
C LYS A 188 2.57 1.01 -17.69
N ARG A 189 1.81 0.44 -16.75
CA ARG A 189 0.38 0.19 -16.87
C ARG A 189 -0.42 1.51 -17.02
N LEU A 190 -0.06 2.53 -16.22
CA LEU A 190 -0.75 3.81 -16.27
C LEU A 190 -0.54 4.61 -17.55
N HIS A 191 0.54 4.32 -18.26
CA HIS A 191 0.78 4.92 -19.57
C HIS A 191 0.11 4.02 -20.62
N SER A 192 -1.16 4.34 -20.95
CA SER A 192 -2.00 3.62 -21.90
C SER A 192 -2.99 4.56 -22.59
#